data_3UY5
#
_entry.id   3UY5
#
_cell.length_a   174.574
_cell.length_b   174.574
_cell.length_c   122.827
_cell.angle_alpha   90.00
_cell.angle_beta   90.00
_cell.angle_gamma   120.00
#
_symmetry.space_group_name_H-M   'H 3 2'
#
loop_
_entity.id
_entity.type
_entity.pdbx_description
1 polymer 'Enhanced intracellular survival protein'
2 water water
#
_entity_poly.entity_id   1
_entity_poly.type   'polypeptide(L)'
_entity_poly.pdbx_seq_one_letter_code
;MGSSHHHHHHSSGLVPRGSHMPQSDSVTVTLCSPTEDDWPGMFLLAAASFTDFIGPESATAWRTLVPTDGAVVVRDGAGP
GSEVVGMALYMDLRLTVPGEVVLPTAGLSFVAVAPTHRRRGLLRAMCAELHRRIADSGYPVAALHASEGGIYGRFGYGPA
TTLHELTVDRRFARFHADAPGGGLGGSSVRLVRPTEHRGEFEAIYERWRQQVPGGLLRPQVLWDELLAECKAAPGGDRES
FALLHPDGYALYRVDRTDLKLARVSELRAVTADAHCALWRALIGLDSMERISIITHPQDPLPHLLTDTRLARTTWRQDGL
WLRIMNVPAALEARGYAHEVGEFSTVLEVSDGGRFALKIGDGRARCTPTDAAAEIEMDRDVLGSLYLGAHRASTLAAANR
LRTKDSQLLRRLDAAFASDVPVQTAFEF
;
_entity_poly.pdbx_strand_id   A
#
# COMPACT_ATOMS: atom_id res chain seq x y z
N THR A 28 -9.44 26.76 -23.75
CA THR A 28 -8.31 27.06 -22.87
C THR A 28 -7.54 25.79 -22.46
N VAL A 29 -8.03 25.03 -21.48
CA VAL A 29 -7.37 23.79 -21.08
C VAL A 29 -7.93 22.57 -21.78
N THR A 30 -7.05 21.66 -22.17
CA THR A 30 -7.46 20.43 -22.85
C THR A 30 -6.92 19.21 -22.12
N LEU A 31 -7.73 18.17 -22.03
CA LEU A 31 -7.32 16.94 -21.36
C LEU A 31 -7.08 15.84 -22.39
N CYS A 32 -5.89 15.22 -22.37
CA CYS A 32 -5.58 14.19 -23.36
C CYS A 32 -4.45 13.25 -22.97
N SER A 33 -4.28 12.16 -23.73
CA SER A 33 -3.17 11.24 -23.50
C SER A 33 -1.84 11.85 -23.98
N PRO A 34 -0.81 11.82 -23.13
CA PRO A 34 0.44 12.47 -23.50
C PRO A 34 1.05 11.88 -24.77
N THR A 35 1.75 12.73 -25.53
CA THR A 35 2.62 12.28 -26.61
C THR A 35 3.99 12.12 -26.02
N GLU A 36 4.91 11.54 -26.79
CA GLU A 36 6.30 11.52 -26.36
C GLU A 36 6.86 12.95 -26.33
N ASP A 37 6.22 13.85 -27.09
CA ASP A 37 6.57 15.27 -27.07
C ASP A 37 6.13 15.96 -25.79
N ASP A 38 5.37 15.26 -24.97
CA ASP A 38 4.86 15.85 -23.74
C ASP A 38 5.72 15.48 -22.55
N TRP A 39 6.64 14.55 -22.76
CA TRP A 39 7.45 14.00 -21.69
C TRP A 39 8.21 15.04 -20.93
N PRO A 40 9.05 15.81 -21.62
CA PRO A 40 9.86 16.81 -20.93
C PRO A 40 9.02 17.76 -20.05
N GLY A 41 7.87 18.19 -20.55
CA GLY A 41 6.93 18.95 -19.74
C GLY A 41 6.53 18.18 -18.48
N MET A 42 6.27 16.89 -18.65
CA MET A 42 5.83 16.04 -17.56
C MET A 42 6.94 15.84 -16.53
N PHE A 43 8.14 15.56 -16.99
CA PHE A 43 9.29 15.46 -16.12
C PHE A 43 9.50 16.75 -15.29
N LEU A 44 9.35 17.90 -15.95
CA LEU A 44 9.50 19.19 -15.27
C LEU A 44 8.45 19.35 -14.18
N LEU A 45 7.18 19.20 -14.54
CA LEU A 45 6.10 19.23 -13.56
C LEU A 45 6.39 18.25 -12.41
N ALA A 46 6.85 17.05 -12.75
CA ALA A 46 7.13 16.03 -11.74
C ALA A 46 8.21 16.51 -10.78
N ALA A 47 9.32 16.97 -11.35
CA ALA A 47 10.42 17.47 -10.55
C ALA A 47 9.97 18.59 -9.60
N ALA A 48 9.05 19.43 -10.06
CA ALA A 48 8.60 20.56 -9.24
C ALA A 48 7.55 20.16 -8.23
N SER A 49 7.05 18.93 -8.32
CA SER A 49 5.93 18.53 -7.48
C SER A 49 6.34 17.51 -6.43
N PHE A 50 7.36 16.73 -6.76
CA PHE A 50 7.82 15.66 -5.89
C PHE A 50 9.30 15.83 -5.61
N THR A 51 9.66 16.03 -4.34
CA THR A 51 11.05 16.24 -3.98
C THR A 51 11.87 15.02 -4.26
N ASP A 52 11.29 13.87 -4.02
CA ASP A 52 12.00 12.64 -4.25
C ASP A 52 12.25 12.35 -5.69
N PHE A 53 11.59 13.07 -6.58
CA PHE A 53 11.57 12.74 -7.97
C PHE A 53 12.91 12.35 -8.51
N ILE A 54 13.70 13.34 -8.93
CA ILE A 54 14.99 13.09 -9.58
C ILE A 54 15.76 11.86 -9.08
N GLY A 55 15.74 10.82 -9.90
CA GLY A 55 15.95 10.96 -11.33
C GLY A 55 14.82 10.53 -12.26
N PRO A 56 14.78 11.21 -13.40
CA PRO A 56 13.85 10.91 -14.50
C PRO A 56 14.16 9.51 -15.01
N GLU A 57 15.43 9.12 -14.88
CA GLU A 57 15.88 7.82 -15.35
C GLU A 57 15.11 6.75 -14.61
N SER A 58 14.90 6.97 -13.31
CA SER A 58 14.02 6.05 -12.57
C SER A 58 12.57 6.17 -13.03
N ALA A 59 12.14 7.39 -13.35
CA ALA A 59 10.80 7.60 -13.88
C ALA A 59 10.56 6.68 -15.07
N THR A 60 11.64 6.43 -15.82
CA THR A 60 11.53 5.67 -17.05
C THR A 60 11.60 4.16 -16.78
N ALA A 61 11.81 3.80 -15.52
CA ALA A 61 11.62 2.41 -15.11
C ALA A 61 10.15 2.16 -14.82
N TRP A 62 9.56 2.99 -13.98
CA TRP A 62 8.14 2.88 -13.67
C TRP A 62 7.29 3.01 -14.93
N ARG A 63 7.76 3.77 -15.92
CA ARG A 63 6.99 3.94 -17.15
C ARG A 63 6.61 2.61 -17.79
N THR A 64 7.48 1.61 -17.66
CA THR A 64 7.22 0.30 -18.23
C THR A 64 6.00 -0.38 -17.57
N LEU A 65 5.63 0.10 -16.39
CA LEU A 65 4.46 -0.41 -15.68
C LEU A 65 3.17 0.30 -16.12
N VAL A 66 3.31 1.33 -16.94
CA VAL A 66 2.16 2.12 -17.36
C VAL A 66 1.59 1.57 -18.66
N PRO A 67 0.32 1.15 -18.62
CA PRO A 67 -0.22 0.58 -19.84
C PRO A 67 -0.43 1.67 -20.87
N THR A 68 -0.35 1.32 -22.14
CA THR A 68 -0.83 2.17 -23.21
C THR A 68 -2.15 2.77 -22.76
N ASP A 69 -2.27 4.09 -22.84
CA ASP A 69 -3.50 4.75 -22.38
C ASP A 69 -3.69 4.84 -20.86
N GLY A 70 -2.63 4.55 -20.09
CA GLY A 70 -2.72 4.72 -18.65
C GLY A 70 -2.30 6.10 -18.17
N ALA A 71 -2.14 7.03 -19.11
CA ALA A 71 -1.66 8.36 -18.77
C ALA A 71 -2.53 9.48 -19.31
N VAL A 72 -2.74 10.50 -18.48
CA VAL A 72 -3.47 11.67 -18.91
C VAL A 72 -2.66 12.95 -18.60
N VAL A 73 -2.66 13.91 -19.52
CA VAL A 73 -2.07 15.21 -19.24
C VAL A 73 -3.07 16.31 -19.52
N VAL A 74 -2.90 17.46 -18.88
CA VAL A 74 -3.68 18.62 -19.23
C VAL A 74 -2.75 19.66 -19.81
N ARG A 75 -3.06 20.11 -21.02
CA ARG A 75 -2.26 21.14 -21.67
C ARG A 75 -2.94 22.49 -21.54
N ASP A 76 -2.15 23.54 -21.41
CA ASP A 76 -2.71 24.88 -21.28
C ASP A 76 -2.80 25.59 -22.62
N GLY A 77 -3.99 25.61 -23.18
CA GLY A 77 -4.20 26.21 -24.48
C GLY A 77 -4.19 25.17 -25.56
N ALA A 78 -3.86 25.62 -26.77
CA ALA A 78 -3.82 24.77 -27.94
C ALA A 78 -2.73 25.30 -28.87
N GLY A 79 -2.19 24.43 -29.71
CA GLY A 79 -1.12 24.82 -30.60
C GLY A 79 -0.08 23.72 -30.65
N PRO A 80 1.14 24.07 -31.04
CA PRO A 80 2.22 23.08 -31.06
C PRO A 80 3.05 23.02 -29.78
N GLY A 81 2.86 21.93 -29.03
CA GLY A 81 3.53 21.75 -27.76
C GLY A 81 3.17 22.72 -26.64
N SER A 82 1.91 23.09 -26.52
CA SER A 82 1.51 23.91 -25.38
C SER A 82 1.95 23.24 -24.08
N GLU A 83 2.26 24.04 -23.06
CA GLU A 83 2.87 23.52 -21.83
C GLU A 83 1.92 22.62 -20.98
N VAL A 84 2.49 21.58 -20.40
CA VAL A 84 1.74 20.73 -19.48
C VAL A 84 1.50 21.47 -18.18
N VAL A 85 0.30 21.35 -17.63
CA VAL A 85 0.00 21.94 -16.34
C VAL A 85 -0.66 20.93 -15.39
N GLY A 86 -0.94 19.74 -15.92
CA GLY A 86 -1.52 18.68 -15.13
C GLY A 86 -1.15 17.33 -15.71
N MET A 87 -0.94 16.35 -14.84
CA MET A 87 -0.62 15.01 -15.29
C MET A 87 -1.10 14.00 -14.26
N ALA A 88 -1.35 12.78 -14.70
CA ALA A 88 -1.73 11.68 -13.82
C ALA A 88 -1.59 10.40 -14.59
N LEU A 89 -1.36 9.30 -13.91
CA LEU A 89 -1.32 8.03 -14.61
C LEU A 89 -1.60 6.88 -13.67
N TYR A 90 -1.77 5.68 -14.23
CA TYR A 90 -1.83 4.52 -13.38
C TYR A 90 -0.94 3.42 -13.91
N MET A 91 -0.52 2.56 -13.01
CA MET A 91 0.36 1.47 -13.32
C MET A 91 -0.42 0.18 -13.13
N ASP A 92 -0.03 -0.83 -13.90
CA ASP A 92 -0.64 -2.15 -13.76
C ASP A 92 0.01 -2.93 -12.62
N LEU A 93 -0.77 -3.23 -11.59
CA LEU A 93 -0.25 -3.88 -10.39
C LEU A 93 -1.05 -5.12 -10.03
N ARG A 94 -0.46 -5.97 -9.19
CA ARG A 94 -1.13 -7.14 -8.64
C ARG A 94 -1.14 -7.05 -7.12
N LEU A 95 -2.33 -6.92 -6.57
CA LEU A 95 -2.50 -6.76 -5.14
C LEU A 95 -3.10 -8.01 -4.50
N THR A 96 -2.51 -8.44 -3.39
CA THR A 96 -3.01 -9.59 -2.65
C THR A 96 -4.03 -9.11 -1.64
N VAL A 97 -5.17 -9.79 -1.61
CA VAL A 97 -6.25 -9.44 -0.71
C VAL A 97 -6.55 -10.68 0.14
N PRO A 98 -7.30 -10.52 1.25
CA PRO A 98 -7.47 -11.64 2.18
C PRO A 98 -7.96 -12.94 1.50
N GLY A 99 -7.45 -14.08 1.95
CA GLY A 99 -7.70 -15.34 1.30
C GLY A 99 -6.65 -15.62 0.23
N GLU A 100 -5.56 -14.85 0.25
CA GLU A 100 -4.46 -15.06 -0.69
C GLU A 100 -4.90 -14.93 -2.14
N VAL A 101 -5.88 -14.06 -2.38
CA VAL A 101 -6.37 -13.80 -3.72
C VAL A 101 -5.68 -12.59 -4.27
N VAL A 102 -5.23 -12.69 -5.52
CA VAL A 102 -4.48 -11.64 -6.20
C VAL A 102 -5.35 -10.95 -7.25
N LEU A 103 -5.51 -9.63 -7.10
CA LEU A 103 -6.34 -8.83 -7.99
C LEU A 103 -5.52 -7.91 -8.91
N PRO A 104 -5.91 -7.81 -10.18
CA PRO A 104 -5.38 -6.76 -11.04
C PRO A 104 -5.78 -5.44 -10.39
N THR A 105 -4.84 -4.53 -10.23
CA THR A 105 -5.11 -3.30 -9.51
C THR A 105 -4.49 -2.16 -10.29
N ALA A 106 -5.22 -1.07 -10.45
CA ALA A 106 -4.67 0.08 -11.11
C ALA A 106 -4.07 1.01 -10.05
N GLY A 107 -2.76 1.19 -10.10
CA GLY A 107 -2.07 2.03 -9.13
C GLY A 107 -1.83 3.45 -9.61
N LEU A 108 -2.60 4.40 -9.10
CA LEU A 108 -2.35 5.81 -9.44
C LEU A 108 -1.04 6.36 -8.86
N SER A 109 -0.34 7.14 -9.68
CA SER A 109 0.85 7.85 -9.23
C SER A 109 1.17 9.01 -10.16
N PHE A 110 2.23 9.74 -9.81
CA PHE A 110 2.66 10.93 -10.53
C PHE A 110 1.50 11.83 -10.85
N VAL A 111 0.61 12.00 -9.89
CA VAL A 111 -0.52 12.90 -10.05
C VAL A 111 -0.11 14.28 -9.60
N ALA A 112 -0.27 15.27 -10.48
CA ALA A 112 0.26 16.59 -10.19
C ALA A 112 -0.42 17.66 -11.00
N VAL A 113 -0.66 18.77 -10.33
CA VAL A 113 -1.20 19.97 -10.95
C VAL A 113 -0.19 21.11 -10.75
N ALA A 114 0.05 21.88 -11.81
CA ALA A 114 0.95 23.02 -11.74
C ALA A 114 0.50 24.02 -10.68
N PRO A 115 1.45 24.60 -9.93
CA PRO A 115 1.15 25.56 -8.86
C PRO A 115 0.41 26.75 -9.43
N THR A 116 0.50 26.93 -10.75
CA THR A 116 -0.17 28.00 -11.46
C THR A 116 -1.63 27.72 -11.81
N HIS A 117 -2.08 26.48 -11.63
CA HIS A 117 -3.43 26.11 -12.04
C HIS A 117 -4.21 25.35 -10.97
N ARG A 118 -4.08 25.76 -9.73
CA ARG A 118 -4.59 25.02 -8.62
C ARG A 118 -6.06 24.73 -8.41
N ARG A 119 -6.96 25.68 -8.58
CA ARG A 119 -8.34 25.46 -8.15
C ARG A 119 -9.34 25.44 -9.30
N ARG A 120 -8.84 24.93 -10.39
CA ARG A 120 -9.48 24.96 -11.63
C ARG A 120 -10.05 23.64 -12.05
N GLY A 121 -10.11 22.66 -11.17
CA GLY A 121 -10.78 21.42 -11.47
C GLY A 121 -9.96 20.40 -12.26
N LEU A 122 -8.65 20.62 -12.35
CA LEU A 122 -7.80 19.71 -13.12
C LEU A 122 -7.73 18.33 -12.51
N LEU A 123 -7.59 18.26 -11.19
CA LEU A 123 -7.55 16.98 -10.48
C LEU A 123 -8.84 16.16 -10.60
N ARG A 124 -9.99 16.82 -10.48
CA ARG A 124 -11.27 16.17 -10.72
C ARG A 124 -11.34 15.62 -12.14
N ALA A 125 -11.00 16.46 -13.12
CA ALA A 125 -11.09 16.04 -14.51
C ALA A 125 -10.14 14.88 -14.79
N MET A 126 -8.91 14.96 -14.30
CA MET A 126 -7.94 13.91 -14.56
C MET A 126 -8.30 12.59 -13.88
N CYS A 127 -8.81 12.67 -12.65
CA CYS A 127 -9.23 11.48 -11.93
C CYS A 127 -10.47 10.85 -12.53
N ALA A 128 -11.43 11.68 -12.94
CA ALA A 128 -12.63 11.16 -13.58
C ALA A 128 -12.25 10.40 -14.85
N GLU A 129 -11.36 11.00 -15.64
CA GLU A 129 -10.98 10.40 -16.91
C GLU A 129 -10.22 9.11 -16.70
N LEU A 130 -9.31 9.10 -15.72
CA LEU A 130 -8.54 7.92 -15.39
C LEU A 130 -9.42 6.78 -14.87
N HIS A 131 -10.41 7.11 -14.05
CA HIS A 131 -11.32 6.10 -13.50
C HIS A 131 -12.19 5.43 -14.56
N ARG A 132 -12.65 6.19 -15.56
CA ARG A 132 -13.39 5.62 -16.66
C ARG A 132 -12.53 4.60 -17.38
N ARG A 133 -11.28 4.99 -17.65
CA ARG A 133 -10.36 4.10 -18.35
C ARG A 133 -10.10 2.84 -17.54
N ILE A 134 -9.89 3.02 -16.24
CA ILE A 134 -9.64 1.92 -15.32
C ILE A 134 -10.85 0.97 -15.24
N ALA A 135 -12.04 1.54 -15.09
CA ALA A 135 -13.29 0.76 -15.10
C ALA A 135 -13.45 -0.01 -16.41
N ASP A 136 -13.35 0.71 -17.54
CA ASP A 136 -13.53 0.08 -18.85
C ASP A 136 -12.51 -1.02 -19.14
N SER A 137 -11.33 -0.92 -18.55
CA SER A 137 -10.25 -1.89 -18.74
C SER A 137 -10.45 -3.15 -17.88
N GLY A 138 -11.39 -3.11 -16.94
CA GLY A 138 -11.68 -4.28 -16.16
C GLY A 138 -10.99 -4.46 -14.81
N TYR A 139 -10.36 -3.40 -14.29
CA TYR A 139 -9.79 -3.49 -12.93
C TYR A 139 -10.92 -3.45 -11.92
N PRO A 140 -10.90 -4.37 -10.98
CA PRO A 140 -11.93 -4.32 -9.94
C PRO A 140 -11.61 -3.26 -8.90
N VAL A 141 -10.35 -2.88 -8.85
CA VAL A 141 -9.84 -2.05 -7.77
C VAL A 141 -8.78 -1.06 -8.25
N ALA A 142 -8.74 0.12 -7.64
CA ALA A 142 -7.67 1.07 -7.88
C ALA A 142 -7.01 1.38 -6.54
N ALA A 143 -5.76 1.83 -6.57
CA ALA A 143 -5.03 2.10 -5.34
C ALA A 143 -4.04 3.26 -5.49
N LEU A 144 -3.64 3.81 -4.34
CA LEU A 144 -2.65 4.88 -4.31
C LEU A 144 -2.00 5.08 -2.94
N HIS A 145 -0.87 5.80 -2.93
CA HIS A 145 -0.31 6.33 -1.68
C HIS A 145 -0.55 7.82 -1.68
N ALA A 146 -1.14 8.35 -0.60
CA ALA A 146 -1.57 9.74 -0.58
C ALA A 146 -0.50 10.67 -0.07
N SER A 147 -0.26 11.76 -0.79
CA SER A 147 0.70 12.77 -0.35
C SER A 147 0.10 13.57 0.80
N GLU A 148 -1.22 13.67 0.82
CA GLU A 148 -1.95 14.28 1.94
C GLU A 148 -3.21 13.47 2.24
N GLY A 149 -3.74 13.59 3.46
CA GLY A 149 -4.83 12.73 3.89
C GLY A 149 -6.23 13.22 3.59
N GLY A 150 -6.35 14.42 3.04
CA GLY A 150 -7.65 15.02 2.81
C GLY A 150 -8.06 15.15 1.35
N ILE A 151 -7.25 14.61 0.45
CA ILE A 151 -7.54 14.74 -0.98
C ILE A 151 -8.48 13.66 -1.55
N TYR A 152 -8.25 12.39 -1.22
CA TYR A 152 -8.76 11.30 -2.05
C TYR A 152 -10.08 10.64 -1.64
N GLY A 153 -10.51 10.83 -0.40
CA GLY A 153 -11.84 10.41 0.00
C GLY A 153 -12.89 10.90 -0.97
N ARG A 154 -12.78 12.15 -1.42
CA ARG A 154 -13.80 12.67 -2.34
C ARG A 154 -13.84 11.86 -3.64
N PHE A 155 -12.75 11.20 -3.98
CA PHE A 155 -12.71 10.36 -5.18
C PHE A 155 -13.02 8.89 -4.95
N GLY A 156 -13.41 8.53 -3.72
CA GLY A 156 -13.79 7.17 -3.42
C GLY A 156 -12.68 6.26 -2.90
N TYR A 157 -11.50 6.82 -2.64
CA TYR A 157 -10.40 6.06 -2.03
C TYR A 157 -10.48 6.13 -0.51
N GLY A 158 -10.32 4.99 0.14
CA GLY A 158 -10.25 4.94 1.59
C GLY A 158 -8.92 4.34 2.02
N PRO A 159 -8.35 4.88 3.11
CA PRO A 159 -7.14 4.31 3.72
C PRO A 159 -7.37 2.84 4.02
N ALA A 160 -6.49 1.96 3.54
CA ALA A 160 -6.75 0.53 3.62
C ALA A 160 -5.66 -0.26 4.34
N THR A 161 -4.48 0.34 4.47
CA THR A 161 -3.41 -0.20 5.31
C THR A 161 -2.86 0.89 6.23
N THR A 162 -2.19 0.47 7.30
CA THR A 162 -1.66 1.38 8.30
C THR A 162 -0.17 1.16 8.53
N LEU A 163 0.61 2.21 8.30
CA LEU A 163 2.04 2.24 8.57
C LEU A 163 2.24 2.51 10.03
N HIS A 164 3.16 1.77 10.61
CA HIS A 164 3.42 1.80 12.03
C HIS A 164 4.94 1.86 12.21
N GLU A 165 5.49 2.98 12.63
CA GLU A 165 6.92 3.02 12.92
C GLU A 165 7.19 2.56 14.35
N LEU A 166 8.09 1.59 14.46
CA LEU A 166 8.64 1.16 15.73
C LEU A 166 10.13 1.54 15.79
N THR A 167 10.51 2.16 16.90
CA THR A 167 11.91 2.44 17.19
C THR A 167 12.25 1.62 18.42
N VAL A 168 13.21 0.72 18.28
CA VAL A 168 13.65 -0.10 19.40
C VAL A 168 14.94 0.43 20.01
N ASP A 169 14.96 0.67 21.31
CA ASP A 169 16.20 1.01 21.99
C ASP A 169 16.90 -0.30 22.28
N ARG A 170 17.82 -0.70 21.40
CA ARG A 170 18.40 -2.03 21.47
C ARG A 170 19.39 -2.21 22.60
N ARG A 171 19.74 -1.12 23.28
CA ARG A 171 20.64 -1.19 24.42
C ARG A 171 20.03 -1.97 25.55
N PHE A 172 18.73 -1.89 25.68
CA PHE A 172 18.02 -2.56 26.77
C PHE A 172 17.35 -3.86 26.35
N ALA A 173 17.28 -4.10 25.05
CA ALA A 173 16.43 -5.18 24.54
C ALA A 173 16.99 -6.57 24.84
N ARG A 174 16.22 -7.34 25.60
CA ARG A 174 16.52 -8.75 25.77
C ARG A 174 15.35 -9.56 25.26
N PHE A 175 15.66 -10.67 24.58
CA PHE A 175 14.62 -11.55 24.12
C PHE A 175 14.00 -12.41 25.22
N HIS A 176 12.70 -12.68 25.07
CA HIS A 176 11.92 -13.42 26.04
C HIS A 176 12.31 -14.91 25.97
N ALA A 177 12.27 -15.59 27.08
CA ALA A 177 12.57 -16.98 27.08
C ALA A 177 11.80 -17.76 26.05
N ASP A 178 10.56 -17.41 25.82
CA ASP A 178 9.76 -18.06 24.80
C ASP A 178 10.17 -17.83 23.37
N ALA A 179 10.89 -16.76 23.09
CA ALA A 179 11.15 -16.37 21.70
C ALA A 179 11.93 -17.44 20.94
N PRO A 180 11.57 -17.66 19.66
CA PRO A 180 12.23 -18.69 18.85
C PRO A 180 13.73 -18.42 18.72
N GLY A 181 14.53 -19.49 18.70
CA GLY A 181 15.97 -19.35 18.59
C GLY A 181 16.66 -19.34 19.94
N SER A 187 24.37 -18.22 13.69
CA SER A 187 23.24 -19.14 13.55
C SER A 187 22.67 -19.15 12.13
N SER A 188 21.39 -18.88 11.99
CA SER A 188 20.70 -19.04 10.71
C SER A 188 20.76 -17.83 9.76
N VAL A 189 21.03 -16.65 10.31
CA VAL A 189 21.07 -15.41 9.53
C VAL A 189 22.49 -15.05 9.13
N ARG A 190 22.65 -14.53 7.91
CA ARG A 190 23.96 -14.07 7.45
C ARG A 190 23.95 -12.58 7.16
N LEU A 191 25.05 -11.91 7.48
CA LEU A 191 25.20 -10.51 7.11
C LEU A 191 25.73 -10.53 5.70
N VAL A 192 25.13 -9.74 4.83
CA VAL A 192 25.28 -9.99 3.40
C VAL A 192 25.22 -8.68 2.62
N ARG A 193 25.91 -8.66 1.48
CA ARG A 193 25.84 -7.52 0.58
C ARG A 193 24.57 -7.66 -0.27
N PRO A 194 23.66 -6.67 -0.19
CA PRO A 194 22.40 -6.78 -0.92
C PRO A 194 22.59 -7.15 -2.40
N THR A 195 23.48 -6.45 -3.08
CA THR A 195 23.65 -6.61 -4.52
C THR A 195 24.10 -8.02 -4.96
N GLU A 196 24.55 -8.83 -4.01
CA GLU A 196 25.04 -10.16 -4.35
C GLU A 196 24.04 -11.27 -4.05
N HIS A 197 22.86 -10.90 -3.57
CA HIS A 197 21.84 -11.90 -3.26
C HIS A 197 20.44 -11.54 -3.76
N ARG A 198 20.39 -11.02 -4.99
CA ARG A 198 19.12 -10.59 -5.57
C ARG A 198 18.13 -11.75 -5.75
N GLY A 199 18.61 -12.87 -6.27
CA GLY A 199 17.77 -14.02 -6.50
C GLY A 199 17.10 -14.51 -5.25
N GLU A 200 17.86 -14.54 -4.15
CA GLU A 200 17.28 -14.94 -2.88
C GLU A 200 16.26 -13.93 -2.36
N PHE A 201 16.52 -12.65 -2.58
CA PHE A 201 15.58 -11.62 -2.14
C PHE A 201 14.28 -11.71 -2.94
N GLU A 202 14.40 -11.82 -4.24
CA GLU A 202 13.25 -11.96 -5.14
C GLU A 202 12.34 -13.11 -4.74
N ALA A 203 12.92 -14.29 -4.54
CA ALA A 203 12.16 -15.48 -4.20
C ALA A 203 11.45 -15.32 -2.86
N ILE A 204 12.13 -14.71 -1.90
CA ILE A 204 11.55 -14.51 -0.58
C ILE A 204 10.41 -13.50 -0.63
N TYR A 205 10.63 -12.38 -1.32
CA TYR A 205 9.61 -11.36 -1.44
C TYR A 205 8.38 -11.96 -2.14
N GLU A 206 8.64 -12.71 -3.21
CA GLU A 206 7.58 -13.35 -3.99
C GLU A 206 6.69 -14.26 -3.11
N ARG A 207 7.31 -15.12 -2.30
CA ARG A 207 6.55 -15.90 -1.34
C ARG A 207 5.79 -15.00 -0.38
N TRP A 208 6.47 -13.95 0.10
CA TRP A 208 5.85 -13.02 1.05
C TRP A 208 4.60 -12.35 0.48
N ARG A 209 4.69 -11.80 -0.73
CA ARG A 209 3.61 -10.99 -1.28
C ARG A 209 2.39 -11.83 -1.64
N GLN A 210 2.59 -13.12 -1.88
CA GLN A 210 1.47 -14.02 -2.18
C GLN A 210 0.67 -14.43 -0.95
N GLN A 211 1.27 -14.30 0.23
CA GLN A 211 0.62 -14.74 1.45
C GLN A 211 0.00 -13.63 2.28
N VAL A 212 0.37 -12.38 2.02
CA VAL A 212 -0.01 -11.29 2.90
C VAL A 212 -0.92 -10.29 2.19
N PRO A 213 -2.11 -10.03 2.74
CA PRO A 213 -2.90 -8.94 2.13
C PRO A 213 -2.07 -7.66 2.12
N GLY A 214 -2.13 -6.91 1.03
CA GLY A 214 -1.33 -5.71 0.88
C GLY A 214 -0.13 -6.02 0.02
N GLY A 215 0.17 -7.31 -0.15
CA GLY A 215 1.33 -7.69 -0.94
C GLY A 215 1.18 -7.24 -2.38
N LEU A 216 2.27 -6.73 -2.94
CA LEU A 216 2.31 -6.40 -4.36
C LEU A 216 3.40 -7.20 -5.06
N LEU A 217 3.08 -7.71 -6.23
CA LEU A 217 4.09 -8.25 -7.12
C LEU A 217 5.14 -7.16 -7.39
N ARG A 218 6.41 -7.48 -7.21
CA ARG A 218 7.47 -6.51 -7.52
C ARG A 218 8.19 -6.95 -8.80
N PRO A 219 7.92 -6.25 -9.91
CA PRO A 219 8.47 -6.61 -11.23
C PRO A 219 9.98 -6.42 -11.31
N GLN A 220 10.64 -7.11 -12.24
CA GLN A 220 12.09 -7.00 -12.41
C GLN A 220 12.61 -5.57 -12.44
N VAL A 221 11.88 -4.67 -13.08
CA VAL A 221 12.35 -3.30 -13.24
C VAL A 221 12.45 -2.58 -11.89
N LEU A 222 11.58 -2.93 -10.94
CA LEU A 222 11.60 -2.35 -9.61
C LEU A 222 12.70 -2.95 -8.73
N TRP A 223 13.02 -4.22 -8.94
CA TRP A 223 14.22 -4.80 -8.34
C TRP A 223 15.52 -4.16 -8.85
N ASP A 224 15.55 -3.73 -10.11
CA ASP A 224 16.72 -2.98 -10.60
C ASP A 224 16.81 -1.68 -9.81
N GLU A 225 15.71 -0.95 -9.75
CA GLU A 225 15.70 0.32 -9.05
C GLU A 225 16.14 0.14 -7.59
N LEU A 226 15.49 -0.77 -6.89
CA LEU A 226 15.75 -0.98 -5.47
C LEU A 226 17.17 -1.43 -5.19
N LEU A 227 17.67 -2.33 -6.03
CA LEU A 227 19.02 -2.86 -5.86
C LEU A 227 20.07 -1.75 -6.01
N ALA A 228 19.84 -0.84 -6.93
CA ALA A 228 20.77 0.25 -7.20
C ALA A 228 20.95 1.17 -6.00
N GLU A 229 19.86 1.46 -5.30
CA GLU A 229 19.90 2.38 -4.17
C GLU A 229 20.82 1.90 -3.05
N CYS A 230 21.25 0.64 -3.13
CA CYS A 230 21.99 0.04 -2.02
C CYS A 230 23.37 0.67 -1.81
N LYS A 231 24.01 1.15 -2.88
CA LYS A 231 25.33 1.76 -2.76
C LYS A 231 25.29 3.14 -2.08
N ALA A 232 26.33 3.41 -1.30
CA ALA A 232 26.46 4.68 -0.62
C ALA A 232 26.58 5.82 -1.63
N ALA A 233 25.93 6.93 -1.33
CA ALA A 233 26.04 8.12 -2.15
C ALA A 233 26.69 9.23 -1.31
N PRO A 234 27.73 9.88 -1.84
CA PRO A 234 28.31 10.99 -1.07
C PRO A 234 27.27 12.11 -0.94
N GLY A 235 27.15 12.66 0.27
CA GLY A 235 26.18 13.72 0.53
C GLY A 235 24.78 13.16 0.70
N GLY A 236 24.60 11.91 0.29
CA GLY A 236 23.33 11.24 0.42
C GLY A 236 23.36 10.15 1.46
N ASP A 237 22.79 8.99 1.14
CA ASP A 237 22.67 7.91 2.10
C ASP A 237 23.88 6.98 2.13
N ARG A 238 24.13 6.41 3.31
CA ARG A 238 25.22 5.47 3.51
C ARG A 238 24.89 4.16 2.84
N GLU A 239 25.86 3.25 2.74
CA GLU A 239 25.60 2.01 2.03
C GLU A 239 24.70 1.09 2.87
N SER A 240 23.89 0.29 2.17
CA SER A 240 22.97 -0.59 2.84
C SER A 240 23.59 -1.97 3.02
N PHE A 241 23.12 -2.68 4.04
CA PHE A 241 23.49 -4.06 4.21
C PHE A 241 22.23 -4.91 4.32
N ALA A 242 22.41 -6.22 4.27
CA ALA A 242 21.27 -7.10 4.42
C ALA A 242 21.57 -8.21 5.40
N LEU A 243 20.52 -8.65 6.06
CA LEU A 243 20.51 -9.80 6.92
C LEU A 243 19.63 -10.81 6.20
N LEU A 244 20.20 -11.97 5.87
CA LEU A 244 19.53 -12.95 5.04
C LEU A 244 19.32 -14.25 5.79
N HIS A 245 18.11 -14.78 5.66
CA HIS A 245 17.71 -16.01 6.32
C HIS A 245 17.06 -16.81 5.20
N PRO A 246 17.05 -18.14 5.30
CA PRO A 246 16.40 -18.90 4.23
C PRO A 246 14.96 -18.43 3.99
N ASP A 247 14.33 -17.87 5.02
CA ASP A 247 12.90 -17.53 4.94
C ASP A 247 12.57 -16.05 5.17
N GLY A 248 13.57 -15.18 5.07
CA GLY A 248 13.32 -13.76 5.22
C GLY A 248 14.58 -12.95 5.08
N TYR A 249 14.42 -11.64 4.93
CA TYR A 249 15.56 -10.73 4.90
C TYR A 249 15.19 -9.39 5.48
N ALA A 250 16.21 -8.63 5.84
CA ALA A 250 16.06 -7.24 6.23
C ALA A 250 17.12 -6.42 5.49
N LEU A 251 16.72 -5.26 4.98
CA LEU A 251 17.67 -4.32 4.40
C LEU A 251 17.75 -3.13 5.33
N TYR A 252 18.97 -2.72 5.68
CA TYR A 252 19.12 -1.61 6.58
C TYR A 252 20.35 -0.79 6.28
N ARG A 253 20.42 0.35 6.93
CA ARG A 253 21.35 1.43 6.70
C ARG A 253 21.49 2.27 7.97
N VAL A 254 22.68 2.78 8.29
CA VAL A 254 22.76 3.81 9.31
C VAL A 254 22.14 5.10 8.81
N ASP A 255 21.48 5.82 9.68
CA ASP A 255 20.88 7.05 9.32
C ASP A 255 21.92 8.07 8.95
N ARG A 256 21.65 8.91 7.98
CA ARG A 256 22.59 9.98 7.66
C ARG A 256 22.69 11.03 8.77
N THR A 257 21.53 11.47 9.27
CA THR A 257 21.47 12.48 10.32
C THR A 257 22.00 12.02 11.68
N ASP A 258 21.64 10.81 12.06
CA ASP A 258 22.01 10.26 13.36
C ASP A 258 22.78 8.97 13.14
N LEU A 259 23.92 8.84 13.80
CA LEU A 259 24.79 7.70 13.53
C LEU A 259 24.65 6.56 14.53
N LYS A 260 23.78 6.74 15.52
CA LYS A 260 23.47 5.65 16.44
C LYS A 260 22.11 5.04 16.10
N LEU A 261 21.53 5.47 14.98
CA LEU A 261 20.25 4.94 14.51
C LEU A 261 20.38 4.07 13.26
N ALA A 262 19.93 2.83 13.33
CA ALA A 262 19.88 1.99 12.13
C ALA A 262 18.47 1.97 11.57
N ARG A 263 18.34 2.29 10.29
CA ARG A 263 17.05 2.27 9.64
C ARG A 263 16.82 0.99 8.85
N VAL A 264 15.78 0.25 9.22
CA VAL A 264 15.42 -0.93 8.47
C VAL A 264 14.47 -0.50 7.36
N SER A 265 14.95 -0.50 6.13
CA SER A 265 14.11 0.01 5.05
C SER A 265 13.07 -1.04 4.64
N GLU A 266 13.35 -2.30 4.93
CA GLU A 266 12.51 -3.40 4.45
C GLU A 266 12.81 -4.68 5.19
N LEU A 267 11.78 -5.32 5.70
CA LEU A 267 11.95 -6.62 6.33
C LEU A 267 10.80 -7.53 5.89
N ARG A 268 11.13 -8.56 5.13
CA ARG A 268 10.14 -9.50 4.65
C ARG A 268 10.42 -10.86 5.25
N ALA A 269 9.51 -11.34 6.07
CA ALA A 269 9.69 -12.60 6.75
C ALA A 269 8.50 -13.47 6.42
N VAL A 270 8.76 -14.70 6.03
CA VAL A 270 7.73 -15.62 5.58
C VAL A 270 7.28 -16.57 6.70
N THR A 271 8.16 -16.79 7.68
CA THR A 271 7.81 -17.58 8.84
C THR A 271 8.08 -16.77 10.10
N ALA A 272 7.52 -17.20 11.23
CA ALA A 272 7.78 -16.51 12.48
C ALA A 272 9.24 -16.69 12.90
N ASP A 273 9.76 -17.89 12.67
CA ASP A 273 11.17 -18.16 12.92
C ASP A 273 12.05 -17.11 12.25
N ALA A 274 11.78 -16.83 10.97
CA ALA A 274 12.63 -15.91 10.22
C ALA A 274 12.52 -14.51 10.80
N HIS A 275 11.31 -14.16 11.20
CA HIS A 275 11.04 -12.85 11.74
C HIS A 275 11.83 -12.65 13.03
N CYS A 276 11.84 -13.65 13.89
CA CYS A 276 12.56 -13.55 15.14
C CYS A 276 14.07 -13.56 14.93
N ALA A 277 14.54 -14.44 14.06
CA ALA A 277 15.98 -14.54 13.84
C ALA A 277 16.52 -13.23 13.28
N LEU A 278 15.77 -12.63 12.37
CA LEU A 278 16.17 -11.35 11.80
C LEU A 278 16.26 -10.29 12.91
N TRP A 279 15.31 -10.29 13.83
CA TRP A 279 15.33 -9.30 14.90
C TRP A 279 16.44 -9.55 15.93
N ARG A 280 16.78 -10.81 16.16
CA ARG A 280 17.93 -11.09 17.01
C ARG A 280 19.21 -10.53 16.40
N ALA A 281 19.30 -10.59 15.08
CA ALA A 281 20.47 -10.04 14.39
C ALA A 281 20.49 -8.52 14.46
N LEU A 282 19.34 -7.90 14.23
CA LEU A 282 19.25 -6.45 14.27
C LEU A 282 19.57 -5.91 15.67
N ILE A 283 18.98 -6.52 16.70
CA ILE A 283 19.28 -6.16 18.07
C ILE A 283 20.76 -6.42 18.37
N GLY A 284 21.37 -7.31 17.58
CA GLY A 284 22.80 -7.52 17.66
C GLY A 284 23.70 -6.42 17.10
N LEU A 285 23.13 -5.38 16.48
CA LEU A 285 23.97 -4.29 15.96
C LEU A 285 24.46 -3.39 17.09
N ASP A 286 25.43 -3.89 17.85
CA ASP A 286 25.92 -3.26 19.07
C ASP A 286 26.45 -1.84 18.87
N SER A 287 26.89 -1.55 17.66
CA SER A 287 27.33 -0.21 17.30
C SER A 287 26.16 0.81 17.38
N MET A 288 24.92 0.32 17.44
CA MET A 288 23.75 1.21 17.39
C MET A 288 23.03 1.35 18.71
N GLU A 289 22.31 2.46 18.88
CA GLU A 289 21.47 2.64 20.05
C GLU A 289 20.03 2.28 19.72
N ARG A 290 19.61 2.64 18.52
CA ARG A 290 18.23 2.47 18.11
C ARG A 290 18.14 1.86 16.72
N ILE A 291 17.14 0.99 16.57
CA ILE A 291 16.72 0.44 15.28
C ILE A 291 15.30 0.90 15.02
N SER A 292 15.05 1.49 13.86
CA SER A 292 13.68 1.82 13.49
C SER A 292 13.25 1.08 12.23
N ILE A 293 11.94 0.88 12.08
CA ILE A 293 11.37 0.21 10.93
C ILE A 293 9.94 0.71 10.71
N ILE A 294 9.52 0.84 9.46
CA ILE A 294 8.10 1.09 9.17
C ILE A 294 7.45 -0.26 9.00
N THR A 295 6.49 -0.56 9.85
CA THR A 295 5.90 -1.89 9.87
C THR A 295 4.38 -1.79 9.97
N HIS A 296 3.74 -2.87 10.38
CA HIS A 296 2.28 -2.88 10.49
C HIS A 296 1.93 -2.99 11.96
N PRO A 297 0.68 -2.66 12.33
CA PRO A 297 0.26 -2.61 13.73
C PRO A 297 0.30 -3.95 14.46
N GLN A 298 0.26 -5.07 13.74
CA GLN A 298 0.27 -6.36 14.41
C GLN A 298 1.65 -6.99 14.39
N ASP A 299 2.68 -6.22 14.06
CA ASP A 299 4.03 -6.73 14.12
C ASP A 299 4.26 -7.33 15.50
N PRO A 300 4.64 -8.61 15.58
CA PRO A 300 4.80 -9.28 16.87
C PRO A 300 6.08 -8.94 17.66
N LEU A 301 6.94 -8.10 17.08
CA LEU A 301 8.21 -7.71 17.71
C LEU A 301 8.13 -7.31 19.18
N PRO A 302 7.15 -6.48 19.55
CA PRO A 302 7.09 -6.10 20.96
C PRO A 302 7.02 -7.33 21.85
N HIS A 303 6.34 -8.38 21.41
CA HIS A 303 6.17 -9.59 22.23
C HIS A 303 7.35 -10.55 22.24
N LEU A 304 8.38 -10.25 21.44
CA LEU A 304 9.61 -11.04 21.47
C LEU A 304 10.49 -10.63 22.64
N LEU A 305 10.20 -9.47 23.21
CA LEU A 305 11.13 -8.87 24.17
C LEU A 305 10.57 -8.99 25.58
N THR A 306 11.46 -8.98 26.56
CA THR A 306 11.05 -9.03 27.96
C THR A 306 10.40 -7.71 28.40
N ASP A 307 10.72 -6.63 27.70
CA ASP A 307 10.05 -5.34 27.99
C ASP A 307 9.39 -4.83 26.71
N THR A 308 8.07 -4.97 26.63
CA THR A 308 7.38 -4.66 25.38
C THR A 308 7.47 -3.19 25.00
N ARG A 309 7.73 -2.33 25.98
CA ARG A 309 7.87 -0.89 25.71
C ARG A 309 9.05 -0.51 24.83
N LEU A 310 10.12 -1.29 24.87
CA LEU A 310 11.31 -0.91 24.13
C LEU A 310 10.97 -0.73 22.68
N ALA A 311 9.98 -1.49 22.22
CA ALA A 311 9.54 -1.40 20.84
C ALA A 311 8.51 -0.30 20.80
N ARG A 312 8.98 0.92 20.62
CA ARG A 312 8.15 2.10 20.79
C ARG A 312 7.52 2.56 19.47
N THR A 313 6.22 2.88 19.50
CA THR A 313 5.54 3.39 18.31
C THR A 313 5.81 4.87 18.19
N THR A 314 6.63 5.24 17.24
CA THR A 314 7.01 6.59 17.01
C THR A 314 6.21 7.32 15.94
N TRP A 315 5.43 6.62 15.15
CA TRP A 315 4.69 7.21 14.09
C TRP A 315 3.65 6.31 13.51
N ARG A 316 2.54 6.86 13.12
CA ARG A 316 1.50 6.13 12.51
C ARG A 316 0.92 6.89 11.38
N GLN A 317 0.49 6.22 10.34
CA GLN A 317 -0.09 6.90 9.19
C GLN A 317 -0.76 5.91 8.24
N ASP A 318 -1.73 6.41 7.47
CA ASP A 318 -2.34 5.64 6.39
C ASP A 318 -1.27 5.20 5.40
N GLY A 319 -1.36 3.96 4.92
CA GLY A 319 -0.45 3.48 3.89
C GLY A 319 -1.11 3.50 2.51
N LEU A 320 -1.55 2.32 2.07
CA LEU A 320 -2.20 2.17 0.77
C LEU A 320 -3.68 2.56 0.86
N TRP A 321 -4.14 3.33 -0.12
CA TRP A 321 -5.54 3.70 -0.21
C TRP A 321 -6.18 2.91 -1.36
N LEU A 322 -7.42 2.49 -1.15
CA LEU A 322 -8.17 1.71 -2.13
C LEU A 322 -9.42 2.39 -2.65
N ARG A 323 -9.62 2.35 -3.96
CA ARG A 323 -10.94 2.65 -4.49
C ARG A 323 -11.49 1.36 -5.11
N ILE A 324 -12.57 0.86 -4.54
CA ILE A 324 -13.31 -0.24 -5.14
C ILE A 324 -14.00 0.26 -6.42
N MET A 325 -13.56 -0.25 -7.57
CA MET A 325 -14.12 0.16 -8.85
C MET A 325 -15.42 -0.58 -9.11
N ASN A 326 -15.37 -1.90 -8.94
CA ASN A 326 -16.50 -2.77 -9.18
C ASN A 326 -16.84 -3.51 -7.89
N VAL A 327 -17.93 -3.11 -7.25
CA VAL A 327 -18.27 -3.59 -5.92
C VAL A 327 -18.49 -5.10 -5.87
N PRO A 328 -19.38 -5.64 -6.70
CA PRO A 328 -19.61 -7.09 -6.63
C PRO A 328 -18.40 -7.92 -7.04
N ALA A 329 -17.65 -7.49 -8.04
CA ALA A 329 -16.45 -8.22 -8.44
C ALA A 329 -15.47 -8.26 -7.27
N ALA A 330 -15.30 -7.13 -6.61
CA ALA A 330 -14.35 -7.04 -5.51
C ALA A 330 -14.82 -7.82 -4.28
N LEU A 331 -16.09 -7.70 -3.92
CA LEU A 331 -16.61 -8.37 -2.72
C LEU A 331 -16.60 -9.89 -2.93
N GLU A 332 -16.81 -10.33 -4.16
CA GLU A 332 -16.84 -11.75 -4.42
C GLU A 332 -15.44 -12.33 -4.52
N ALA A 333 -14.47 -11.51 -4.86
CA ALA A 333 -13.10 -11.98 -5.09
C ALA A 333 -12.35 -12.36 -3.81
N ARG A 334 -12.58 -11.63 -2.72
CA ARG A 334 -11.81 -11.87 -1.51
C ARG A 334 -12.41 -12.96 -0.63
N GLY A 335 -11.58 -13.58 0.20
CA GLY A 335 -12.07 -14.54 1.18
C GLY A 335 -12.55 -13.82 2.43
N TYR A 336 -13.43 -14.48 3.17
CA TYR A 336 -13.97 -13.91 4.39
C TYR A 336 -13.70 -14.89 5.54
N ALA A 337 -13.74 -14.40 6.78
CA ALA A 337 -13.49 -15.26 7.94
C ALA A 337 -14.47 -16.43 7.97
N HIS A 338 -13.96 -17.62 8.26
CA HIS A 338 -14.79 -18.83 8.34
C HIS A 338 -15.56 -18.91 9.65
N GLU A 339 -15.17 -18.11 10.63
CA GLU A 339 -15.74 -18.26 11.96
C GLU A 339 -17.20 -17.81 12.03
N VAL A 340 -17.50 -16.70 11.37
CA VAL A 340 -18.85 -16.15 11.37
C VAL A 340 -19.78 -17.08 10.60
N GLY A 341 -20.99 -17.27 11.11
CA GLY A 341 -21.96 -18.12 10.43
C GLY A 341 -22.55 -17.40 9.23
N GLU A 342 -23.09 -18.16 8.29
CA GLU A 342 -23.73 -17.59 7.11
C GLU A 342 -24.80 -16.54 7.47
N PHE A 343 -24.73 -15.39 6.79
CA PHE A 343 -25.74 -14.35 6.94
C PHE A 343 -25.96 -13.60 5.61
N SER A 344 -27.09 -12.92 5.48
CA SER A 344 -27.42 -12.16 4.26
C SER A 344 -27.85 -10.76 4.64
N THR A 345 -27.52 -9.79 3.79
CA THR A 345 -27.92 -8.43 4.05
C THR A 345 -28.04 -7.67 2.73
N VAL A 346 -28.36 -6.38 2.79
CA VAL A 346 -28.43 -5.56 1.60
C VAL A 346 -27.53 -4.36 1.82
N LEU A 347 -26.54 -4.24 0.94
CA LEU A 347 -25.56 -3.20 1.05
C LEU A 347 -25.77 -2.15 -0.03
N GLU A 348 -25.86 -0.90 0.40
CA GLU A 348 -25.90 0.19 -0.54
C GLU A 348 -24.65 1.06 -0.44
N VAL A 349 -23.96 1.24 -1.56
CA VAL A 349 -22.86 2.18 -1.60
C VAL A 349 -23.34 3.45 -2.32
N SER A 350 -23.22 4.59 -1.64
CA SER A 350 -23.64 5.85 -2.21
C SER A 350 -23.17 5.99 -3.66
N ASP A 351 -24.12 6.15 -4.58
CA ASP A 351 -23.77 6.26 -5.99
C ASP A 351 -22.82 5.16 -6.43
N GLY A 352 -23.14 3.92 -6.08
CA GLY A 352 -22.30 2.79 -6.39
C GLY A 352 -23.05 1.47 -6.48
N GLY A 353 -24.38 1.55 -6.42
CA GLY A 353 -25.21 0.37 -6.54
C GLY A 353 -25.70 -0.19 -5.21
N ARG A 354 -26.82 -0.92 -5.28
CA ARG A 354 -27.32 -1.64 -4.12
C ARG A 354 -27.22 -3.14 -4.36
N PHE A 355 -26.78 -3.90 -3.35
CA PHE A 355 -26.52 -5.33 -3.53
C PHE A 355 -27.00 -6.23 -2.41
N ALA A 356 -27.51 -7.38 -2.79
CA ALA A 356 -27.82 -8.43 -1.84
C ALA A 356 -26.52 -9.16 -1.57
N LEU A 357 -26.06 -9.10 -0.33
CA LEU A 357 -24.73 -9.58 0.01
C LEU A 357 -24.89 -10.79 0.90
N LYS A 358 -24.38 -11.91 0.42
CA LYS A 358 -24.52 -13.15 1.17
C LYS A 358 -23.14 -13.72 1.47
N ILE A 359 -22.83 -13.86 2.75
CA ILE A 359 -21.51 -14.34 3.15
C ILE A 359 -21.62 -15.60 3.99
N GLY A 360 -20.97 -16.67 3.53
CA GLY A 360 -20.92 -17.89 4.31
C GLY A 360 -19.77 -18.76 3.85
N ASP A 361 -19.19 -19.56 4.74
CA ASP A 361 -18.10 -20.44 4.37
C ASP A 361 -16.92 -19.69 3.75
N GLY A 362 -16.62 -18.50 4.28
CA GLY A 362 -15.50 -17.72 3.80
C GLY A 362 -15.65 -17.17 2.39
N ARG A 363 -16.85 -17.24 1.85
CA ARG A 363 -17.10 -16.87 0.46
C ARG A 363 -18.31 -15.91 0.39
N ALA A 364 -18.31 -14.97 -0.57
CA ALA A 364 -19.43 -14.03 -0.70
C ALA A 364 -20.10 -14.08 -2.05
N ARG A 365 -21.41 -13.99 -2.04
CA ARG A 365 -22.15 -13.78 -3.27
C ARG A 365 -22.81 -12.40 -3.20
N CYS A 366 -22.69 -11.65 -4.29
CA CYS A 366 -23.04 -10.24 -4.29
C CYS A 366 -23.86 -9.89 -5.56
N THR A 367 -25.19 -9.86 -5.43
CA THR A 367 -26.10 -9.68 -6.57
C THR A 367 -26.92 -8.40 -6.52
N PRO A 368 -27.31 -7.88 -7.70
CA PRO A 368 -28.10 -6.65 -7.79
C PRO A 368 -29.44 -6.79 -7.10
N THR A 369 -29.94 -5.73 -6.50
CA THR A 369 -31.25 -5.79 -5.88
C THR A 369 -31.85 -4.40 -5.70
N ASP A 370 -33.13 -4.34 -5.38
CA ASP A 370 -33.74 -3.05 -5.05
C ASP A 370 -34.49 -3.17 -3.72
N ALA A 371 -34.34 -4.32 -3.07
CA ALA A 371 -34.81 -4.45 -1.69
C ALA A 371 -34.24 -3.32 -0.83
N ALA A 372 -34.89 -3.04 0.29
CA ALA A 372 -34.42 -1.94 1.14
C ALA A 372 -33.01 -2.24 1.69
N ALA A 373 -32.19 -1.20 1.76
CA ALA A 373 -30.82 -1.32 2.27
C ALA A 373 -30.80 -1.57 3.78
N GLU A 374 -29.93 -2.46 4.22
CA GLU A 374 -29.72 -2.67 5.65
C GLU A 374 -28.46 -1.93 6.11
N ILE A 375 -27.53 -1.75 5.18
CA ILE A 375 -26.31 -1.01 5.47
C ILE A 375 -26.01 -0.03 4.35
N GLU A 376 -25.52 1.16 4.71
CA GLU A 376 -25.09 2.13 3.71
C GLU A 376 -23.75 2.79 4.06
N MET A 377 -22.95 3.06 3.05
CA MET A 377 -21.66 3.71 3.20
C MET A 377 -21.22 4.30 1.87
N ASP A 378 -20.39 5.34 1.92
CA ASP A 378 -19.77 5.87 0.72
C ASP A 378 -18.80 4.83 0.20
N ARG A 379 -18.39 4.98 -1.05
CA ARG A 379 -17.45 4.04 -1.66
C ARG A 379 -16.12 3.93 -0.88
N ASP A 380 -15.59 5.05 -0.41
CA ASP A 380 -14.26 5.06 0.23
C ASP A 380 -14.23 4.22 1.50
N VAL A 381 -15.33 4.23 2.24
CA VAL A 381 -15.47 3.42 3.45
C VAL A 381 -15.28 1.95 3.12
N LEU A 382 -15.85 1.52 2.02
CA LEU A 382 -15.73 0.15 1.60
C LEU A 382 -14.28 -0.24 1.33
N GLY A 383 -13.53 0.63 0.67
CA GLY A 383 -12.11 0.36 0.46
C GLY A 383 -11.34 0.24 1.78
N SER A 384 -11.73 1.02 2.78
CA SER A 384 -11.12 0.97 4.11
C SER A 384 -11.39 -0.33 4.86
N LEU A 385 -12.56 -0.93 4.62
CA LEU A 385 -12.90 -2.21 5.23
C LEU A 385 -12.23 -3.37 4.50
N TYR A 386 -11.98 -3.17 3.21
CA TYR A 386 -11.75 -4.28 2.28
C TYR A 386 -10.60 -5.23 2.65
N LEU A 387 -9.50 -4.70 3.18
CA LEU A 387 -8.36 -5.53 3.54
C LEU A 387 -8.36 -5.84 5.04
N GLY A 388 -9.41 -5.43 5.74
CA GLY A 388 -9.51 -5.66 7.17
C GLY A 388 -8.74 -4.72 8.09
N ALA A 389 -8.15 -3.65 7.57
CA ALA A 389 -7.38 -2.74 8.44
C ALA A 389 -8.24 -1.88 9.36
N HIS A 390 -9.51 -1.73 9.01
CA HIS A 390 -10.44 -0.96 9.83
C HIS A 390 -11.66 -1.82 10.10
N ARG A 391 -12.20 -1.70 11.31
CA ARG A 391 -13.36 -2.47 11.69
C ARG A 391 -14.62 -1.72 11.30
N ALA A 392 -15.60 -2.43 10.76
CA ALA A 392 -16.89 -1.80 10.44
C ALA A 392 -17.48 -1.09 11.64
N SER A 393 -17.38 -1.68 12.82
CA SER A 393 -17.95 -1.06 14.01
C SER A 393 -17.32 0.30 14.35
N THR A 394 -16.04 0.47 14.04
CA THR A 394 -15.39 1.76 14.25
C THR A 394 -15.87 2.81 13.23
N LEU A 395 -16.02 2.39 11.99
CA LEU A 395 -16.54 3.27 10.96
C LEU A 395 -17.98 3.68 11.30
N ALA A 396 -18.74 2.72 11.82
CA ALA A 396 -20.14 2.97 12.20
C ALA A 396 -20.21 3.94 13.37
N ALA A 397 -19.29 3.83 14.31
CA ALA A 397 -19.31 4.74 15.44
C ALA A 397 -19.12 6.18 14.95
N ALA A 398 -18.37 6.36 13.86
CA ALA A 398 -18.17 7.69 13.29
C ALA A 398 -19.27 8.02 12.29
N ASN A 399 -20.23 7.12 12.12
CA ASN A 399 -21.44 7.41 11.35
C ASN A 399 -21.23 7.41 9.84
N ARG A 400 -20.02 7.05 9.42
CA ARG A 400 -19.71 6.90 8.01
C ARG A 400 -20.55 5.76 7.45
N LEU A 401 -20.70 4.74 8.29
CA LEU A 401 -21.32 3.48 7.91
C LEU A 401 -22.65 3.31 8.69
N ARG A 402 -23.78 3.49 8.02
CA ARG A 402 -25.08 3.43 8.69
C ARG A 402 -25.69 2.05 8.52
N THR A 403 -26.09 1.47 9.62
CA THR A 403 -26.64 0.15 9.65
C THR A 403 -27.86 -0.03 10.50
N LYS A 404 -28.56 -1.09 10.14
CA LYS A 404 -29.77 -1.46 10.81
C LYS A 404 -29.63 -2.03 12.24
N ASP A 405 -28.81 -3.03 12.39
CA ASP A 405 -28.70 -3.68 13.66
C ASP A 405 -27.30 -3.87 14.08
N SER A 406 -27.13 -3.88 15.36
CA SER A 406 -25.79 -4.11 15.90
C SER A 406 -25.28 -5.49 15.53
N GLN A 407 -26.19 -6.46 15.45
CA GLN A 407 -25.82 -7.82 15.10
C GLN A 407 -25.16 -7.87 13.73
N LEU A 408 -25.75 -7.17 12.77
CA LEU A 408 -25.22 -7.13 11.41
C LEU A 408 -23.83 -6.53 11.39
N LEU A 409 -23.67 -5.46 12.17
CA LEU A 409 -22.39 -4.82 12.39
C LEU A 409 -21.34 -5.79 12.91
N ARG A 410 -21.65 -6.51 14.00
CA ARG A 410 -20.71 -7.49 14.55
C ARG A 410 -20.35 -8.55 13.53
N ARG A 411 -21.30 -8.88 12.65
CA ARG A 411 -21.04 -9.89 11.63
C ARG A 411 -20.17 -9.37 10.49
N LEU A 412 -20.46 -8.14 10.06
CA LEU A 412 -19.70 -7.49 9.00
C LEU A 412 -18.26 -7.31 9.43
N ASP A 413 -18.10 -6.98 10.72
CA ASP A 413 -16.85 -6.86 11.50
C ASP A 413 -16.02 -8.13 11.72
N ALA A 414 -16.71 -9.26 11.88
CA ALA A 414 -16.03 -10.53 11.97
C ALA A 414 -15.72 -11.10 10.61
N ALA A 415 -16.68 -11.00 9.68
CA ALA A 415 -16.49 -11.57 8.34
C ALA A 415 -15.34 -10.90 7.58
N PHE A 416 -15.25 -9.57 7.68
CA PHE A 416 -14.29 -8.82 6.90
C PHE A 416 -12.87 -8.85 7.46
N ALA A 417 -12.73 -9.22 8.72
CA ALA A 417 -11.40 -9.32 9.33
C ALA A 417 -10.54 -10.28 8.53
N SER A 418 -9.23 -10.19 8.75
CA SER A 418 -8.25 -10.96 8.00
C SER A 418 -7.46 -11.89 8.92
N ASP A 419 -7.38 -13.17 8.59
CA ASP A 419 -6.56 -14.11 9.35
C ASP A 419 -5.14 -13.57 9.44
N VAL A 420 -4.55 -13.29 8.27
CA VAL A 420 -3.21 -12.74 8.19
C VAL A 420 -3.26 -11.21 8.18
N PRO A 421 -2.63 -10.57 9.17
CA PRO A 421 -2.73 -9.11 9.25
C PRO A 421 -2.25 -8.44 7.97
N VAL A 422 -2.88 -7.33 7.59
CA VAL A 422 -2.55 -6.62 6.38
C VAL A 422 -1.28 -5.80 6.54
N GLN A 423 -0.44 -5.84 5.52
CA GLN A 423 0.84 -5.16 5.54
C GLN A 423 0.94 -4.27 4.29
N THR A 424 1.96 -3.44 4.27
CA THR A 424 2.21 -2.54 3.15
C THR A 424 3.50 -2.96 2.45
N ALA A 425 3.40 -3.04 1.13
CA ALA A 425 4.50 -3.28 0.23
C ALA A 425 5.06 -1.93 -0.17
N PHE A 426 5.89 -1.92 -1.20
CA PHE A 426 6.53 -0.68 -1.63
C PHE A 426 5.53 0.39 -2.07
N GLU A 427 5.81 1.61 -1.65
CA GLU A 427 5.16 2.82 -2.08
C GLU A 427 5.31 2.97 -3.60
N PHE A 428 4.37 3.67 -4.24
CA PHE A 428 4.43 3.87 -5.70
C PHE A 428 3.73 5.17 -6.11
#